data_7UWO
#
_entry.id   7UWO
#
_cell.length_a   68.128
_cell.length_b   85.780
_cell.length_c   205.754
_cell.angle_alpha   90.000
_cell.angle_beta   90.000
_cell.angle_gamma   90.000
#
_symmetry.space_group_name_H-M   'C 2 2 21'
#
loop_
_entity.id
_entity.type
_entity.pdbx_description
1 polymer 'Catenin beta-1'
2 polymer 'Helicon Polypeptide FP05874'
3 non-polymer "N,N'-(1,4-phenylene)diacetamide"
4 water water
#
loop_
_entity_poly.entity_id
_entity_poly.type
_entity_poly.pdbx_seq_one_letter_code
_entity_poly.pdbx_strand_id
1 'polypeptide(L)'
;GHAVVNLINYQDDAELATRAIPELTKLLNDEDQVVVNKAAVMVHQLSKKEASRHAIMRSPQMVSAIVRTMQNTNDVETAR
CTAGTLHNLSHHREGLLAIFKSGGIPALVKMLGSPVDSVLFYAITTLHNLLLHQEGAKMAVRLAGGLQKMVALLNKTNVK
FLAITTDCLQILAYGNQESKLIILASGGPQALVNIMRTYTYEKLLWTTSRVLKVLSVCSSNKPAIVEAGGMQALGLHLTD
PSQRLVQNCLWTLRNLSDAATKQEGMEGLLGTLVQLLGSDDINVVTCAAGILSNLTCNNYKNKMMVCQVGGIEALVRTVL
RAGDREDITEPAICALRHLTSRHQEAEMAQNAVRLHYGLPVVVKLLHPPSHWPLIKATVGLIRNLALCPANHAPLREQGA
IPRLVQLLVRAHQDTQRRTSMGGTQQQFVEGVRMEEIVEGCTGALHILARDVHNRIVIRGLNTIPLFVQLLYSPIENIQR
VAAGVLCELAQDKEAAEAIEAEGATAPLTELLHSRNEGVATYAAAVLFRMSED
;
A
2 'polypeptide(L)' PAVMECYEAAFICHYV B
#
loop_
_chem_comp.id
_chem_comp.type
_chem_comp.name
_chem_comp.formula
WHL non-polymer N,N'-(1,4-phenylene)diacetamide 'C10 H12 N2 O2'
#
# COMPACT_ATOMS: atom_id res chain seq x y z
N ALA A 20 -22.29 55.29 3.37
CA ALA A 20 -22.25 55.22 4.83
C ALA A 20 -21.03 54.44 5.31
N ILE A 21 -20.23 53.95 4.36
CA ILE A 21 -19.04 53.17 4.72
C ILE A 21 -18.01 54.00 5.50
N PRO A 22 -17.66 55.22 5.09
CA PRO A 22 -16.67 55.98 5.87
C PRO A 22 -17.05 56.14 7.34
N GLU A 23 -18.34 56.43 7.62
CA GLU A 23 -18.76 56.61 9.01
C GLU A 23 -18.86 55.28 9.74
N LEU A 24 -19.22 54.21 9.04
CA LEU A 24 -19.50 52.93 9.68
C LEU A 24 -18.25 52.27 10.25
N THR A 25 -17.05 52.68 9.85
CA THR A 25 -15.85 52.09 10.44
C THR A 25 -15.69 52.52 11.89
N LYS A 26 -16.18 53.71 12.25
CA LYS A 26 -15.97 54.21 13.59
C LYS A 26 -16.88 53.51 14.60
N LEU A 27 -18.10 53.17 14.18
CA LEU A 27 -19.03 52.49 15.08
C LEU A 27 -18.57 51.08 15.43
N LEU A 28 -17.69 50.48 14.62
CA LEU A 28 -17.06 49.22 15.00
C LEU A 28 -15.75 49.40 15.76
N ASN A 29 -15.07 50.53 15.57
CA ASN A 29 -13.88 50.88 16.35
C ASN A 29 -14.25 51.73 17.56
N ASP A 30 -15.24 51.25 18.33
CA ASP A 30 -15.76 52.02 19.45
C ASP A 30 -16.33 51.04 20.48
N GLU A 31 -16.31 51.46 21.73
CA GLU A 31 -16.78 50.63 22.84
C GLU A 31 -18.30 50.51 22.78
N ASP A 32 -18.89 49.99 23.86
CA ASP A 32 -20.33 49.79 24.00
C ASP A 32 -20.82 48.74 23.01
N GLN A 33 -21.47 47.70 23.53
CA GLN A 33 -21.94 46.60 22.69
C GLN A 33 -22.79 47.11 21.53
N VAL A 34 -24.01 47.60 21.81
CA VAL A 34 -24.96 47.89 20.75
C VAL A 34 -24.32 48.69 19.63
N VAL A 35 -23.40 49.62 19.96
CA VAL A 35 -22.75 50.42 18.92
C VAL A 35 -21.99 49.53 17.94
N VAL A 36 -21.18 48.61 18.45
CA VAL A 36 -20.54 47.66 17.53
C VAL A 36 -21.54 46.61 17.08
N ASN A 37 -22.39 46.13 18.00
CA ASN A 37 -23.42 45.17 17.63
C ASN A 37 -24.33 45.71 16.53
N LYS A 38 -24.98 46.86 16.78
CA LYS A 38 -25.78 47.49 15.73
C LYS A 38 -24.98 47.64 14.45
N ALA A 39 -23.77 48.22 14.55
CA ALA A 39 -22.93 48.36 13.36
C ALA A 39 -22.69 47.01 12.68
N ALA A 40 -22.41 45.98 13.47
CA ALA A 40 -22.27 44.64 12.89
C ALA A 40 -23.57 44.20 12.22
N VAL A 41 -24.69 44.34 12.93
CA VAL A 41 -26.01 44.04 12.36
C VAL A 41 -26.45 45.20 11.48
N MET A 42 -25.52 46.07 11.11
CA MET A 42 -25.73 47.06 10.07
C MET A 42 -24.79 46.91 8.88
N VAL A 43 -23.54 46.48 9.11
CA VAL A 43 -22.66 46.20 7.98
C VAL A 43 -23.03 44.88 7.32
N HIS A 44 -23.58 43.93 8.09
CA HIS A 44 -24.04 42.67 7.52
C HIS A 44 -25.05 42.90 6.40
N GLN A 45 -25.94 43.88 6.57
CA GLN A 45 -26.98 44.15 5.57
C GLN A 45 -26.38 44.85 4.37
N LEU A 46 -25.45 45.76 4.60
CA LEU A 46 -24.71 46.38 3.49
C LEU A 46 -23.81 45.39 2.77
N SER A 47 -23.73 44.15 3.25
CA SER A 47 -23.00 43.09 2.56
C SER A 47 -23.90 42.23 1.69
N LYS A 48 -25.17 42.06 2.05
CA LYS A 48 -26.08 41.26 1.22
C LYS A 48 -26.54 42.01 -0.02
N LYS A 49 -26.29 43.31 -0.11
CA LYS A 49 -26.66 44.11 -1.27
C LYS A 49 -25.40 44.37 -2.11
N GLU A 50 -25.48 44.07 -3.41
CA GLU A 50 -24.31 44.15 -4.28
C GLU A 50 -23.74 45.57 -4.34
N ALA A 51 -24.60 46.58 -4.41
CA ALA A 51 -24.13 47.95 -4.56
C ALA A 51 -23.33 48.39 -3.34
N SER A 52 -23.87 48.15 -2.14
CA SER A 52 -23.13 48.48 -0.92
C SER A 52 -21.95 47.53 -0.71
N ARG A 53 -22.16 46.23 -0.96
CA ARG A 53 -21.09 45.25 -0.74
C ARG A 53 -19.87 45.57 -1.61
N HIS A 54 -20.10 45.99 -2.85
CA HIS A 54 -19.00 46.42 -3.71
C HIS A 54 -18.19 47.55 -3.07
N ALA A 55 -18.80 48.32 -2.17
CA ALA A 55 -18.10 49.39 -1.45
C ALA A 55 -17.48 48.92 -0.13
N ILE A 56 -17.91 47.77 0.40
CA ILE A 56 -17.26 47.23 1.60
C ILE A 56 -15.86 46.74 1.26
N MET A 57 -15.75 45.86 0.25
CA MET A 57 -14.44 45.38 -0.18
C MET A 57 -13.57 46.52 -0.68
N ARG A 58 -14.19 47.55 -1.27
CA ARG A 58 -13.44 48.68 -1.78
C ARG A 58 -12.71 49.44 -0.68
N SER A 59 -13.15 49.32 0.58
CA SER A 59 -12.58 50.08 1.68
C SER A 59 -11.78 49.16 2.60
N PRO A 60 -10.48 49.41 2.79
CA PRO A 60 -9.70 48.58 3.74
C PRO A 60 -10.01 48.87 5.20
N GLN A 61 -10.34 50.12 5.55
CA GLN A 61 -10.68 50.44 6.93
C GLN A 61 -11.91 49.66 7.38
N MET A 62 -12.92 49.55 6.51
CA MET A 62 -14.05 48.66 6.77
C MET A 62 -13.57 47.23 6.98
N VAL A 63 -12.92 46.66 5.96
CA VAL A 63 -12.52 45.25 6.02
C VAL A 63 -11.72 44.96 7.28
N SER A 64 -10.73 45.81 7.57
CA SER A 64 -9.94 45.64 8.78
C SER A 64 -10.82 45.63 10.02
N ALA A 65 -11.71 46.63 10.14
CA ALA A 65 -12.52 46.79 11.34
C ALA A 65 -13.40 45.57 11.62
N ILE A 66 -13.91 44.92 10.58
CA ILE A 66 -14.70 43.71 10.81
C ILE A 66 -13.83 42.57 11.30
N VAL A 67 -12.57 42.49 10.85
CA VAL A 67 -11.66 41.46 11.36
C VAL A 67 -11.35 41.70 12.83
N ARG A 68 -11.01 42.95 13.19
CA ARG A 68 -10.72 43.25 14.59
C ARG A 68 -11.93 42.98 15.47
N THR A 69 -13.14 43.27 14.98
CA THR A 69 -14.32 43.05 15.79
C THR A 69 -14.62 41.58 15.93
N MET A 70 -14.42 40.80 14.88
CA MET A 70 -14.79 39.39 14.91
C MET A 70 -13.96 38.62 15.92
N GLN A 71 -12.63 38.79 15.90
CA GLN A 71 -11.75 38.03 16.77
C GLN A 71 -11.61 38.62 18.16
N ASN A 72 -12.28 39.75 18.46
CA ASN A 72 -12.28 40.33 19.80
C ASN A 72 -13.64 40.32 20.47
N THR A 73 -14.72 40.02 19.75
CA THR A 73 -16.06 40.23 20.27
C THR A 73 -16.39 39.26 21.40
N ASN A 74 -17.30 39.70 22.28
CA ASN A 74 -17.83 38.89 23.36
C ASN A 74 -19.25 38.39 23.11
N ASP A 75 -20.03 39.14 22.33
CA ASP A 75 -21.41 38.78 22.03
C ASP A 75 -21.47 37.86 20.81
N VAL A 76 -22.36 36.86 20.87
CA VAL A 76 -22.43 35.87 19.81
C VAL A 76 -23.11 36.41 18.55
N GLU A 77 -23.91 37.47 18.65
CA GLU A 77 -24.52 38.04 17.44
C GLU A 77 -23.49 38.85 16.65
N THR A 78 -22.60 39.55 17.34
CA THR A 78 -21.50 40.22 16.64
C THR A 78 -20.60 39.21 15.95
N ALA A 79 -20.31 38.09 16.62
CA ALA A 79 -19.47 37.07 16.01
C ALA A 79 -20.13 36.46 14.79
N ARG A 80 -21.44 36.21 14.86
CA ARG A 80 -22.16 35.64 13.72
CA ARG A 80 -22.12 35.63 13.71
C ARG A 80 -22.35 36.66 12.62
N CYS A 81 -22.53 37.94 12.98
CA CYS A 81 -22.75 38.97 11.96
C CYS A 81 -21.44 39.35 11.27
N THR A 82 -20.33 39.40 12.02
CA THR A 82 -19.04 39.71 11.40
C THR A 82 -18.59 38.57 10.48
N ALA A 83 -18.47 37.36 11.03
CA ALA A 83 -18.06 36.21 10.22
C ALA A 83 -18.96 36.01 9.01
N GLY A 84 -20.25 36.35 9.15
CA GLY A 84 -21.13 36.30 8.00
C GLY A 84 -20.86 37.39 6.99
N THR A 85 -20.37 38.55 7.46
CA THR A 85 -20.04 39.63 6.54
C THR A 85 -18.81 39.30 5.71
N LEU A 86 -17.76 38.77 6.34
CA LEU A 86 -16.56 38.38 5.59
C LEU A 86 -16.82 37.17 4.71
N HIS A 87 -17.73 36.28 5.11
CA HIS A 87 -18.10 35.18 4.24
C HIS A 87 -18.72 35.70 2.94
N ASN A 88 -19.60 36.70 3.03
CA ASN A 88 -20.20 37.28 1.84
C ASN A 88 -19.19 38.07 1.02
N LEU A 89 -18.16 38.61 1.69
CA LEU A 89 -17.07 39.28 0.99
C LEU A 89 -16.24 38.29 0.18
N SER A 90 -16.17 37.03 0.61
CA SER A 90 -15.24 36.05 0.05
C SER A 90 -15.72 35.46 -1.28
N HIS A 91 -16.80 35.97 -1.85
CA HIS A 91 -17.33 35.44 -3.12
C HIS A 91 -16.71 36.10 -4.34
N HIS A 92 -15.84 37.09 -4.17
CA HIS A 92 -15.24 37.81 -5.29
C HIS A 92 -13.75 38.00 -5.04
N ARG A 93 -13.01 38.26 -6.12
CA ARG A 93 -11.55 38.34 -6.03
C ARG A 93 -11.12 39.53 -5.17
N GLU A 94 -11.68 40.70 -5.43
CA GLU A 94 -11.28 41.91 -4.72
C GLU A 94 -11.61 41.82 -3.24
N GLY A 95 -12.73 41.18 -2.90
CA GLY A 95 -13.04 40.95 -1.50
C GLY A 95 -12.17 39.88 -0.89
N LEU A 96 -11.82 38.85 -1.68
CA LEU A 96 -10.98 37.78 -1.18
C LEU A 96 -9.61 38.30 -0.73
N LEU A 97 -8.94 39.06 -1.59
CA LEU A 97 -7.66 39.63 -1.22
C LEU A 97 -7.81 40.75 -0.20
N ALA A 98 -9.00 41.35 -0.08
CA ALA A 98 -9.23 42.29 1.00
C ALA A 98 -9.23 41.59 2.36
N ILE A 99 -9.85 40.42 2.44
CA ILE A 99 -9.73 39.59 3.63
C ILE A 99 -8.27 39.21 3.85
N PHE A 100 -7.59 38.76 2.79
CA PHE A 100 -6.23 38.27 2.92
C PHE A 100 -5.26 39.38 3.31
N LYS A 101 -5.43 40.57 2.74
CA LYS A 101 -4.46 41.64 2.98
C LYS A 101 -4.62 42.22 4.38
N SER A 102 -5.85 42.28 4.89
CA SER A 102 -6.11 42.93 6.17
C SER A 102 -5.94 41.96 7.34
N GLY A 103 -5.04 41.00 7.19
CA GLY A 103 -4.77 40.03 8.23
C GLY A 103 -5.97 39.19 8.62
N GLY A 104 -6.75 38.73 7.64
CA GLY A 104 -7.97 38.02 7.95
C GLY A 104 -7.73 36.58 8.41
N ILE A 105 -6.92 35.83 7.65
CA ILE A 105 -6.75 34.40 7.89
C ILE A 105 -6.44 34.06 9.35
N PRO A 106 -5.54 34.78 10.04
CA PRO A 106 -5.33 34.47 11.48
C PRO A 106 -6.59 34.61 12.33
N ALA A 107 -7.52 35.50 11.93
CA ALA A 107 -8.74 35.69 12.72
C ALA A 107 -9.71 34.54 12.53
N LEU A 108 -9.96 34.13 11.28
CA LEU A 108 -10.92 33.03 11.08
C LEU A 108 -10.35 31.71 11.56
N VAL A 109 -9.03 31.56 11.57
CA VAL A 109 -8.42 30.40 12.22
C VAL A 109 -8.74 30.40 13.71
N LYS A 110 -8.66 31.58 14.34
CA LYS A 110 -9.09 31.68 15.73
C LYS A 110 -10.56 31.32 15.89
N MET A 111 -11.40 31.73 14.93
CA MET A 111 -12.83 31.50 15.04
C MET A 111 -13.22 30.04 14.86
N LEU A 112 -12.31 29.20 14.39
CA LEU A 112 -12.55 27.76 14.32
C LEU A 112 -12.64 27.11 15.70
N GLY A 113 -12.40 27.88 16.77
CA GLY A 113 -12.65 27.41 18.11
C GLY A 113 -13.89 27.98 18.76
N SER A 114 -14.79 28.59 18.01
CA SER A 114 -16.01 29.12 18.59
C SER A 114 -16.94 27.99 19.02
N PRO A 115 -17.75 28.20 20.05
CA PRO A 115 -18.68 27.14 20.49
C PRO A 115 -20.03 27.15 19.79
N VAL A 116 -20.33 28.17 18.98
CA VAL A 116 -21.59 28.24 18.24
C VAL A 116 -21.31 27.97 16.77
N ASP A 117 -22.27 27.30 16.12
CA ASP A 117 -22.06 26.69 14.82
C ASP A 117 -22.18 27.66 13.65
N SER A 118 -22.86 28.79 13.85
CA SER A 118 -23.00 29.74 12.75
C SER A 118 -21.64 30.30 12.33
N VAL A 119 -20.87 30.83 13.29
CA VAL A 119 -19.56 31.39 12.95
C VAL A 119 -18.61 30.29 12.49
N LEU A 120 -18.72 29.10 13.09
CA LEU A 120 -17.91 27.97 12.64
C LEU A 120 -18.17 27.67 11.17
N PHE A 121 -19.44 27.69 10.76
CA PHE A 121 -19.77 27.49 9.36
C PHE A 121 -19.24 28.63 8.50
N TYR A 122 -19.43 29.87 8.95
CA TYR A 122 -18.98 31.03 8.17
C TYR A 122 -17.46 31.05 8.01
N ALA A 123 -16.73 30.70 9.07
CA ALA A 123 -15.29 30.79 9.03
C ALA A 123 -14.68 29.75 8.10
N ILE A 124 -15.20 28.51 8.16
CA ILE A 124 -14.63 27.44 7.38
C ILE A 124 -14.94 27.62 5.90
N THR A 125 -16.09 28.21 5.56
CA THR A 125 -16.39 28.47 4.16
C THR A 125 -15.56 29.65 3.62
N THR A 126 -15.33 30.66 4.46
CA THR A 126 -14.47 31.78 4.04
C THR A 126 -13.02 31.33 3.87
N LEU A 127 -12.54 30.51 4.80
CA LEU A 127 -11.19 29.97 4.65
C LEU A 127 -11.11 29.03 3.46
N HIS A 128 -12.17 28.27 3.20
CA HIS A 128 -12.18 27.37 2.05
C HIS A 128 -12.08 28.16 0.75
N ASN A 129 -12.85 29.25 0.63
CA ASN A 129 -12.78 30.07 -0.57
C ASN A 129 -11.39 30.68 -0.73
N LEU A 130 -10.75 31.05 0.38
CA LEU A 130 -9.40 31.62 0.32
C LEU A 130 -8.38 30.57 -0.09
N LEU A 131 -8.50 29.35 0.45
CA LEU A 131 -7.63 28.26 0.05
C LEU A 131 -7.83 27.88 -1.41
N LEU A 132 -9.02 28.13 -1.96
CA LEU A 132 -9.29 27.74 -3.34
C LEU A 132 -8.94 28.82 -4.36
N HIS A 133 -9.07 30.10 -3.99
CA HIS A 133 -8.98 31.19 -4.97
C HIS A 133 -8.04 32.32 -4.61
N GLN A 134 -7.39 32.28 -3.44
CA GLN A 134 -6.47 33.34 -3.04
C GLN A 134 -5.04 32.81 -3.08
N GLU A 135 -4.17 33.51 -3.80
CA GLU A 135 -2.77 33.12 -3.87
C GLU A 135 -2.10 33.37 -2.53
N GLY A 136 -1.31 32.39 -2.09
CA GLY A 136 -0.61 32.52 -0.83
C GLY A 136 -1.45 32.30 0.40
N ALA A 137 -2.67 31.78 0.25
CA ALA A 137 -3.51 31.52 1.42
C ALA A 137 -3.20 30.17 2.06
N LYS A 138 -2.74 29.20 1.27
CA LYS A 138 -2.34 27.90 1.83
C LYS A 138 -1.16 28.05 2.79
N MET A 139 -0.20 28.92 2.44
CA MET A 139 0.88 29.20 3.38
C MET A 139 0.37 29.97 4.59
N ALA A 140 -0.56 30.89 4.39
CA ALA A 140 -1.04 31.71 5.50
C ALA A 140 -1.83 30.86 6.50
N VAL A 141 -2.75 30.04 6.00
CA VAL A 141 -3.56 29.19 6.89
C VAL A 141 -2.65 28.23 7.65
N ARG A 142 -1.65 27.66 6.97
CA ARG A 142 -0.72 26.74 7.61
C ARG A 142 -0.04 27.38 8.81
N LEU A 143 0.45 28.61 8.64
CA LEU A 143 1.21 29.26 9.69
C LEU A 143 0.34 29.63 10.88
N ALA A 144 -0.91 30.01 10.62
CA ALA A 144 -1.80 30.42 11.70
C ALA A 144 -2.23 29.27 12.59
N GLY A 145 -1.83 28.03 12.28
CA GLY A 145 -2.30 26.90 13.04
C GLY A 145 -3.64 26.37 12.58
N GLY A 146 -3.95 26.55 11.29
CA GLY A 146 -5.25 26.12 10.79
C GLY A 146 -5.40 24.61 10.79
N LEU A 147 -4.36 23.89 10.38
CA LEU A 147 -4.45 22.43 10.27
C LEU A 147 -4.87 21.79 11.59
N GLN A 148 -4.32 22.29 12.71
CA GLN A 148 -4.69 21.75 14.01
C GLN A 148 -6.16 22.03 14.33
N LYS A 149 -6.64 23.24 14.03
CA LYS A 149 -8.03 23.59 14.29
C LYS A 149 -8.98 22.78 13.41
N MET A 150 -8.61 22.57 12.15
CA MET A 150 -9.47 21.83 11.23
C MET A 150 -9.62 20.37 11.65
N VAL A 151 -8.55 19.77 12.16
CA VAL A 151 -8.65 18.38 12.60
C VAL A 151 -9.54 18.29 13.84
N ALA A 152 -9.45 19.28 14.75
CA ALA A 152 -10.27 19.24 15.95
C ALA A 152 -11.76 19.38 15.63
N LEU A 153 -12.10 19.95 14.48
CA LEU A 153 -13.49 20.10 14.07
C LEU A 153 -14.03 18.86 13.38
N LEU A 154 -13.19 17.86 13.11
CA LEU A 154 -13.62 16.65 12.42
C LEU A 154 -14.58 15.80 13.25
N ASN A 155 -14.78 16.13 14.53
CA ASN A 155 -15.73 15.41 15.36
C ASN A 155 -17.15 15.99 15.26
N LYS A 156 -17.35 16.98 14.40
CA LYS A 156 -18.68 17.53 14.21
C LYS A 156 -19.54 16.53 13.41
N THR A 157 -20.84 16.85 13.30
CA THR A 157 -21.83 15.93 12.78
C THR A 157 -22.54 16.42 11.52
N ASN A 158 -22.37 17.69 11.13
CA ASN A 158 -22.95 18.19 9.89
C ASN A 158 -22.08 17.73 8.72
N VAL A 159 -22.64 16.90 7.83
CA VAL A 159 -21.78 16.31 6.80
C VAL A 159 -21.30 17.37 5.82
N LYS A 160 -22.11 18.39 5.54
CA LYS A 160 -21.68 19.47 4.67
C LYS A 160 -20.53 20.25 5.30
N PHE A 161 -20.64 20.56 6.60
CA PHE A 161 -19.54 21.17 7.32
C PHE A 161 -18.29 20.27 7.26
N LEU A 162 -18.48 18.97 7.47
CA LEU A 162 -17.34 18.05 7.42
C LEU A 162 -16.75 17.98 6.01
N ALA A 163 -17.59 18.07 4.98
CA ALA A 163 -17.09 18.05 3.60
C ALA A 163 -16.21 19.24 3.30
N ILE A 164 -16.61 20.43 3.75
CA ILE A 164 -15.77 21.61 3.57
C ILE A 164 -14.48 21.46 4.37
N THR A 165 -14.57 20.98 5.62
CA THR A 165 -13.40 20.92 6.47
C THR A 165 -12.37 19.94 5.92
N THR A 166 -12.82 18.79 5.40
CA THR A 166 -11.88 17.80 4.88
C THR A 166 -11.27 18.25 3.56
N ASP A 167 -12.03 18.98 2.74
CA ASP A 167 -11.47 19.52 1.51
C ASP A 167 -10.41 20.58 1.81
N CYS A 168 -10.63 21.38 2.86
CA CYS A 168 -9.60 22.29 3.32
C CYS A 168 -8.31 21.54 3.64
N LEU A 169 -8.43 20.46 4.42
CA LEU A 169 -7.26 19.67 4.78
C LEU A 169 -6.60 19.08 3.53
N GLN A 170 -7.40 18.66 2.55
CA GLN A 170 -6.83 18.11 1.33
C GLN A 170 -6.09 19.17 0.53
N ILE A 171 -6.63 20.39 0.47
CA ILE A 171 -5.96 21.48 -0.24
C ILE A 171 -4.58 21.74 0.34
N LEU A 172 -4.45 21.65 1.67
CA LEU A 172 -3.20 21.98 2.32
C LEU A 172 -2.23 20.80 2.40
N ALA A 173 -2.76 19.59 2.57
CA ALA A 173 -1.91 18.42 2.72
C ALA A 173 -1.31 17.97 1.40
N TYR A 174 -2.01 18.22 0.30
CA TYR A 174 -1.59 17.78 -1.02
C TYR A 174 -0.22 18.35 -1.38
N GLY A 175 0.78 17.48 -1.50
CA GLY A 175 2.10 17.90 -1.91
C GLY A 175 2.88 18.68 -0.89
N ASN A 176 2.47 18.65 0.38
CA ASN A 176 3.16 19.36 1.46
C ASN A 176 3.47 18.37 2.57
N GLN A 177 4.75 18.04 2.74
CA GLN A 177 5.11 17.05 3.75
C GLN A 177 4.86 17.57 5.15
N GLU A 178 5.27 18.81 5.43
CA GLU A 178 5.07 19.40 6.75
C GLU A 178 3.59 19.38 7.16
N SER A 179 2.69 19.60 6.20
CA SER A 179 1.26 19.60 6.51
C SER A 179 0.79 18.23 6.96
N LYS A 180 1.18 17.17 6.23
CA LYS A 180 0.78 15.82 6.60
C LYS A 180 1.25 15.45 8.01
N LEU A 181 2.44 15.90 8.40
CA LEU A 181 2.93 15.61 9.74
C LEU A 181 2.07 16.30 10.79
N ILE A 182 1.68 17.56 10.56
CA ILE A 182 0.88 18.29 11.54
C ILE A 182 -0.49 17.64 11.68
N ILE A 183 -1.10 17.25 10.56
CA ILE A 183 -2.38 16.54 10.60
C ILE A 183 -2.26 15.27 11.43
N LEU A 184 -1.15 14.56 11.28
CA LEU A 184 -0.94 13.33 12.03
C LEU A 184 -0.83 13.61 13.53
N ALA A 185 -0.07 14.63 13.91
CA ALA A 185 0.10 14.97 15.32
C ALA A 185 -1.19 15.43 15.98
N SER A 186 -2.18 15.87 15.21
CA SER A 186 -3.46 16.30 15.75
C SER A 186 -4.49 15.19 15.81
N GLY A 187 -4.08 13.93 15.64
CA GLY A 187 -5.04 12.85 15.55
C GLY A 187 -5.82 12.82 14.26
N GLY A 188 -5.21 13.28 13.17
CA GLY A 188 -5.85 13.29 11.87
C GLY A 188 -6.39 11.95 11.40
N PRO A 189 -5.55 10.92 11.34
CA PRO A 189 -6.04 9.62 10.83
C PRO A 189 -7.27 9.10 11.52
N GLN A 190 -7.28 9.05 12.86
CA GLN A 190 -8.42 8.47 13.56
C GLN A 190 -9.71 9.23 13.25
N ALA A 191 -9.65 10.57 13.23
CA ALA A 191 -10.84 11.35 12.94
C ALA A 191 -11.29 11.16 11.50
N LEU A 192 -10.32 11.03 10.57
CA LEU A 192 -10.68 10.79 9.18
C LEU A 192 -11.19 9.38 8.96
N VAL A 193 -10.67 8.40 9.71
CA VAL A 193 -11.19 7.05 9.63
C VAL A 193 -12.60 6.98 10.19
N ASN A 194 -12.84 7.70 11.30
CA ASN A 194 -14.18 7.70 11.89
C ASN A 194 -15.22 8.19 10.88
N ILE A 195 -14.90 9.26 10.13
CA ILE A 195 -15.81 9.72 9.08
C ILE A 195 -16.08 8.61 8.08
N MET A 196 -15.02 7.88 7.68
CA MET A 196 -15.16 6.83 6.67
C MET A 196 -16.15 5.76 7.08
N ARG A 197 -16.19 5.42 8.38
CA ARG A 197 -17.02 4.32 8.85
C ARG A 197 -18.30 4.80 9.54
N THR A 198 -18.72 6.04 9.28
CA THR A 198 -19.91 6.58 9.92
C THR A 198 -20.92 7.13 8.91
N TYR A 199 -20.44 7.91 7.96
CA TYR A 199 -21.33 8.67 7.08
C TYR A 199 -21.44 8.00 5.71
N THR A 200 -22.44 8.48 4.94
CA THR A 200 -22.72 7.96 3.62
C THR A 200 -22.78 9.04 2.54
N TYR A 201 -22.64 10.31 2.90
CA TYR A 201 -22.61 11.37 1.90
C TYR A 201 -21.41 11.19 0.99
N GLU A 202 -21.67 10.92 -0.30
CA GLU A 202 -20.60 10.59 -1.23
C GLU A 202 -19.53 11.68 -1.29
N LYS A 203 -19.94 12.95 -1.36
CA LYS A 203 -18.96 14.03 -1.48
C LYS A 203 -18.04 14.08 -0.27
N LEU A 204 -18.57 13.83 0.93
CA LEU A 204 -17.74 13.82 2.13
C LEU A 204 -16.85 12.59 2.17
N LEU A 205 -17.39 11.42 1.82
CA LEU A 205 -16.57 10.22 1.74
C LEU A 205 -15.47 10.37 0.70
N TRP A 206 -15.82 10.90 -0.47
CA TRP A 206 -14.81 11.06 -1.52
C TRP A 206 -13.74 12.07 -1.12
N THR A 207 -14.16 13.15 -0.47
CA THR A 207 -13.17 14.13 -0.03
C THR A 207 -12.30 13.57 1.09
N THR A 208 -12.92 12.91 2.08
CA THR A 208 -12.15 12.27 3.14
C THR A 208 -11.16 11.26 2.57
N SER A 209 -11.59 10.46 1.59
CA SER A 209 -10.69 9.50 0.97
C SER A 209 -9.53 10.17 0.27
N ARG A 210 -9.75 11.36 -0.29
CA ARG A 210 -8.65 12.13 -0.88
C ARG A 210 -7.61 12.48 0.17
N VAL A 211 -8.05 12.94 1.35
CA VAL A 211 -7.12 13.26 2.43
C VAL A 211 -6.32 12.02 2.84
N LEU A 212 -7.03 10.92 3.06
CA LEU A 212 -6.36 9.69 3.49
C LEU A 212 -5.42 9.16 2.42
N LYS A 213 -5.78 9.33 1.14
CA LYS A 213 -4.88 8.94 0.07
C LYS A 213 -3.60 9.77 0.12
N VAL A 214 -3.74 11.07 0.36
CA VAL A 214 -2.56 11.94 0.45
C VAL A 214 -1.70 11.54 1.65
N LEU A 215 -2.35 11.19 2.76
CA LEU A 215 -1.61 10.81 3.95
C LEU A 215 -0.99 9.43 3.82
N SER A 216 -1.62 8.54 3.05
CA SER A 216 -1.13 7.16 2.93
C SER A 216 0.21 7.07 2.22
N VAL A 217 0.61 8.09 1.44
CA VAL A 217 1.93 8.07 0.81
C VAL A 217 3.05 8.48 1.76
N CYS A 218 2.72 8.80 3.02
CA CYS A 218 3.69 9.17 4.04
C CYS A 218 3.92 7.98 4.97
N SER A 219 5.19 7.62 5.20
CA SER A 219 5.48 6.43 5.99
C SER A 219 5.10 6.60 7.47
N SER A 220 5.03 7.83 7.95
CA SER A 220 4.68 8.06 9.36
C SER A 220 3.16 8.04 9.58
N ASN A 221 2.38 8.38 8.55
CA ASN A 221 0.93 8.31 8.64
C ASN A 221 0.40 6.91 8.36
N LYS A 222 1.20 6.05 7.72
CA LYS A 222 0.73 4.71 7.37
C LYS A 222 0.32 3.90 8.59
N PRO A 223 1.15 3.68 9.62
CA PRO A 223 0.67 2.88 10.76
C PRO A 223 -0.43 3.55 11.55
N ALA A 224 -0.47 4.89 11.60
CA ALA A 224 -1.54 5.57 12.33
C ALA A 224 -2.90 5.34 11.69
N ILE A 225 -2.95 5.34 10.36
CA ILE A 225 -4.21 5.03 9.67
C ILE A 225 -4.57 3.57 9.88
N VAL A 226 -3.58 2.69 9.90
CA VAL A 226 -3.85 1.27 10.09
C VAL A 226 -4.33 1.00 11.52
N GLU A 227 -3.60 1.55 12.50
CA GLU A 227 -3.97 1.32 13.91
C GLU A 227 -5.36 1.87 14.22
N ALA A 228 -5.78 2.93 13.52
CA ALA A 228 -7.12 3.47 13.69
C ALA A 228 -8.20 2.64 13.00
N GLY A 229 -7.84 1.52 12.38
CA GLY A 229 -8.80 0.69 11.67
C GLY A 229 -9.17 1.21 10.30
N GLY A 230 -8.29 1.98 9.67
CA GLY A 230 -8.61 2.57 8.38
C GLY A 230 -8.73 1.56 7.26
N MET A 231 -8.03 0.43 7.36
CA MET A 231 -8.16 -0.59 6.32
C MET A 231 -9.58 -1.12 6.26
N GLN A 232 -10.12 -1.57 7.40
CA GLN A 232 -11.49 -2.05 7.44
C GLN A 232 -12.47 -0.96 7.07
N ALA A 233 -12.21 0.27 7.50
CA ALA A 233 -13.13 1.38 7.21
C ALA A 233 -13.20 1.65 5.71
N LEU A 234 -12.08 1.57 5.01
CA LEU A 234 -12.11 1.77 3.56
C LEU A 234 -12.77 0.60 2.85
N GLY A 235 -12.70 -0.61 3.43
CA GLY A 235 -13.35 -1.75 2.81
C GLY A 235 -14.86 -1.66 2.77
N LEU A 236 -15.46 -0.87 3.65
CA LEU A 236 -16.91 -0.75 3.67
C LEU A 236 -17.43 -0.10 2.40
N HIS A 237 -16.63 0.75 1.76
CA HIS A 237 -17.07 1.54 0.60
C HIS A 237 -16.54 1.00 -0.73
N LEU A 238 -16.01 -0.22 -0.74
CA LEU A 238 -15.50 -0.79 -1.97
C LEU A 238 -16.60 -1.17 -2.95
N THR A 239 -17.84 -1.29 -2.49
CA THR A 239 -18.96 -1.66 -3.35
C THR A 239 -19.87 -0.47 -3.64
N ASP A 240 -19.50 0.74 -3.24
CA ASP A 240 -20.32 1.91 -3.49
C ASP A 240 -20.43 2.16 -4.98
N PRO A 241 -21.53 2.78 -5.44
CA PRO A 241 -21.69 3.03 -6.87
C PRO A 241 -20.81 4.17 -7.38
N SER A 242 -20.09 4.87 -6.52
CA SER A 242 -19.23 5.97 -6.94
C SER A 242 -17.87 5.41 -7.37
N GLN A 243 -17.56 5.51 -8.66
CA GLN A 243 -16.30 4.98 -9.16
C GLN A 243 -15.11 5.75 -8.60
N ARG A 244 -15.24 7.07 -8.43
CA ARG A 244 -14.14 7.85 -7.88
C ARG A 244 -13.91 7.54 -6.41
N LEU A 245 -14.95 7.11 -5.71
CA LEU A 245 -14.79 6.79 -4.30
C LEU A 245 -14.13 5.44 -4.10
N VAL A 246 -14.53 4.43 -4.88
CA VAL A 246 -13.93 3.12 -4.73
C VAL A 246 -12.46 3.14 -5.12
N GLN A 247 -12.11 3.89 -6.17
CA GLN A 247 -10.72 3.90 -6.64
C GLN A 247 -9.82 4.71 -5.70
N ASN A 248 -10.34 5.77 -5.10
CA ASN A 248 -9.58 6.47 -4.06
C ASN A 248 -9.42 5.58 -2.83
N CYS A 249 -10.47 4.82 -2.50
CA CYS A 249 -10.35 3.85 -1.41
C CYS A 249 -9.33 2.77 -1.74
N LEU A 250 -9.32 2.31 -2.98
CA LEU A 250 -8.41 1.24 -3.37
C LEU A 250 -6.96 1.74 -3.38
N TRP A 251 -6.75 2.98 -3.83
CA TRP A 251 -5.39 3.51 -3.85
C TRP A 251 -4.85 3.68 -2.44
N THR A 252 -5.69 4.14 -1.52
CA THR A 252 -5.27 4.28 -0.14
C THR A 252 -4.98 2.91 0.48
N LEU A 253 -5.83 1.92 0.21
CA LEU A 253 -5.61 0.58 0.73
C LEU A 253 -4.30 -0.01 0.19
N ARG A 254 -3.98 0.25 -1.08
CA ARG A 254 -2.73 -0.25 -1.63
C ARG A 254 -1.54 0.33 -0.88
N ASN A 255 -1.58 1.62 -0.58
CA ASN A 255 -0.46 2.27 0.11
C ASN A 255 -0.23 1.69 1.50
N LEU A 256 -1.30 1.55 2.28
CA LEU A 256 -1.20 1.05 3.65
C LEU A 256 -1.02 -0.46 3.74
N SER A 257 -1.24 -1.19 2.64
CA SER A 257 -1.34 -2.64 2.73
C SER A 257 -0.11 -3.26 3.38
N ASP A 258 1.09 -2.75 3.08
CA ASP A 258 2.33 -3.34 3.61
C ASP A 258 2.49 -3.14 5.12
N ALA A 259 1.71 -2.26 5.73
CA ALA A 259 1.79 -2.01 7.17
C ALA A 259 0.54 -2.46 7.91
N ALA A 260 -0.24 -3.37 7.32
CA ALA A 260 -1.47 -3.86 7.96
C ALA A 260 -1.50 -5.38 8.01
N THR A 261 -0.32 -6.01 8.01
CA THR A 261 -0.20 -7.47 8.04
C THR A 261 -0.56 -8.07 9.40
N LYS A 262 -0.89 -7.25 10.40
CA LYS A 262 -1.25 -7.75 11.73
C LYS A 262 -2.71 -7.53 12.08
N GLN A 263 -3.42 -6.68 11.33
CA GLN A 263 -4.79 -6.33 11.68
C GLN A 263 -5.71 -7.55 11.65
N GLU A 264 -6.69 -7.54 12.54
CA GLU A 264 -7.76 -8.53 12.57
C GLU A 264 -9.04 -7.91 12.02
N GLY A 265 -10.06 -8.76 11.84
CA GLY A 265 -11.30 -8.28 11.26
C GLY A 265 -11.19 -7.96 9.78
N MET A 266 -10.35 -8.68 9.04
CA MET A 266 -10.13 -8.45 7.63
C MET A 266 -11.02 -9.32 6.74
N GLU A 267 -11.97 -10.05 7.33
CA GLU A 267 -12.77 -11.01 6.57
C GLU A 267 -13.55 -10.32 5.44
N GLY A 268 -14.25 -9.23 5.77
CA GLY A 268 -15.05 -8.55 4.77
C GLY A 268 -14.20 -7.89 3.70
N LEU A 269 -13.10 -7.24 4.10
CA LEU A 269 -12.23 -6.60 3.12
C LEU A 269 -11.63 -7.62 2.16
N LEU A 270 -11.09 -8.71 2.69
CA LEU A 270 -10.50 -9.73 1.83
C LEU A 270 -11.54 -10.34 0.89
N GLY A 271 -12.75 -10.56 1.38
CA GLY A 271 -13.79 -11.11 0.52
C GLY A 271 -14.08 -10.21 -0.68
N THR A 272 -14.16 -8.89 -0.44
CA THR A 272 -14.46 -7.95 -1.51
C THR A 272 -13.30 -7.85 -2.50
N LEU A 273 -12.06 -7.88 -1.99
CA LEU A 273 -10.91 -7.80 -2.87
C LEU A 273 -10.85 -8.98 -3.82
N VAL A 274 -11.16 -10.19 -3.33
CA VAL A 274 -11.16 -11.35 -4.20
C VAL A 274 -12.20 -11.18 -5.30
N GLN A 275 -13.41 -10.73 -4.94
CA GLN A 275 -14.42 -10.47 -5.97
C GLN A 275 -13.96 -9.37 -6.92
N LEU A 276 -13.28 -8.34 -6.39
CA LEU A 276 -12.87 -7.21 -7.21
C LEU A 276 -11.82 -7.57 -8.25
N LEU A 277 -11.21 -8.76 -8.18
CA LEU A 277 -10.21 -9.17 -9.17
C LEU A 277 -10.83 -9.40 -10.54
N GLY A 278 -12.12 -9.74 -10.58
CA GLY A 278 -12.83 -9.94 -11.82
C GLY A 278 -13.34 -8.68 -12.47
N SER A 279 -12.94 -7.50 -11.96
CA SER A 279 -13.46 -6.24 -12.46
C SER A 279 -12.97 -5.96 -13.87
N ASP A 280 -13.78 -5.22 -14.63
CA ASP A 280 -13.35 -4.77 -15.94
C ASP A 280 -12.35 -3.61 -15.84
N ASP A 281 -12.42 -2.83 -14.75
CA ASP A 281 -11.52 -1.69 -14.58
C ASP A 281 -10.09 -2.18 -14.33
N ILE A 282 -9.15 -1.63 -15.09
CA ILE A 282 -7.76 -2.04 -14.96
C ILE A 282 -7.21 -1.61 -13.61
N ASN A 283 -7.47 -0.36 -13.21
CA ASN A 283 -6.96 0.14 -11.94
C ASN A 283 -7.54 -0.61 -10.75
N VAL A 284 -8.80 -1.06 -10.85
CA VAL A 284 -9.38 -1.80 -9.75
C VAL A 284 -8.68 -3.13 -9.56
N VAL A 285 -8.40 -3.82 -10.68
CA VAL A 285 -7.78 -5.14 -10.60
C VAL A 285 -6.36 -5.03 -10.07
N THR A 286 -5.59 -4.06 -10.60
CA THR A 286 -4.22 -3.86 -10.15
C THR A 286 -4.18 -3.61 -8.64
N CYS A 287 -5.03 -2.70 -8.16
CA CYS A 287 -5.05 -2.41 -6.72
C CYS A 287 -5.45 -3.64 -5.91
N ALA A 288 -6.45 -4.38 -6.38
CA ALA A 288 -6.90 -5.56 -5.66
C ALA A 288 -5.78 -6.59 -5.54
N ALA A 289 -5.11 -6.90 -6.65
CA ALA A 289 -3.99 -7.84 -6.58
C ALA A 289 -2.88 -7.29 -5.68
N GLY A 290 -2.63 -5.99 -5.76
CA GLY A 290 -1.58 -5.40 -4.96
C GLY A 290 -1.86 -5.46 -3.47
N ILE A 291 -3.09 -5.12 -3.08
CA ILE A 291 -3.48 -5.21 -1.68
C ILE A 291 -3.45 -6.66 -1.21
N LEU A 292 -3.99 -7.57 -2.01
CA LEU A 292 -4.03 -8.96 -1.59
C LEU A 292 -2.64 -9.55 -1.48
N SER A 293 -1.71 -9.13 -2.33
CA SER A 293 -0.35 -9.62 -2.23
C SER A 293 0.27 -9.21 -0.90
N ASN A 294 0.24 -7.90 -0.59
CA ASN A 294 0.81 -7.42 0.66
C ASN A 294 0.09 -7.99 1.88
N LEU A 295 -1.23 -8.19 1.80
CA LEU A 295 -2.01 -8.64 2.94
C LEU A 295 -1.83 -10.13 3.25
N THR A 296 -1.38 -10.92 2.28
CA THR A 296 -1.13 -12.34 2.50
C THR A 296 0.30 -12.64 2.90
N CYS A 297 1.19 -11.64 2.89
CA CYS A 297 2.59 -11.85 3.21
C CYS A 297 2.75 -12.11 4.71
N ASN A 298 3.12 -13.33 5.07
CA ASN A 298 3.41 -13.71 6.46
C ASN A 298 2.22 -13.42 7.37
N ASN A 299 1.02 -13.77 6.92
CA ASN A 299 -0.19 -13.73 7.74
C ASN A 299 -0.96 -15.00 7.45
N TYR A 300 -0.81 -16.01 8.30
CA TYR A 300 -1.46 -17.29 8.06
C TYR A 300 -2.99 -17.13 8.02
N LYS A 301 -3.54 -16.25 8.86
CA LYS A 301 -4.99 -16.10 8.91
C LYS A 301 -5.53 -15.53 7.61
N ASN A 302 -4.86 -14.53 7.04
CA ASN A 302 -5.28 -13.97 5.77
C ASN A 302 -5.17 -14.99 4.65
N LYS A 303 -4.14 -15.84 4.69
CA LYS A 303 -3.95 -16.84 3.65
C LYS A 303 -5.14 -17.79 3.56
N MET A 304 -5.63 -18.26 4.72
CA MET A 304 -6.81 -19.12 4.75
C MET A 304 -8.04 -18.42 4.17
N MET A 305 -8.38 -17.25 4.70
CA MET A 305 -9.60 -16.56 4.29
C MET A 305 -9.64 -16.37 2.78
N VAL A 306 -8.51 -15.99 2.18
CA VAL A 306 -8.46 -15.81 0.74
C VAL A 306 -8.74 -17.13 0.03
N CYS A 307 -8.20 -18.23 0.56
CA CYS A 307 -8.44 -19.52 -0.04
C CYS A 307 -9.91 -19.94 0.10
N GLN A 308 -10.54 -19.68 1.24
CA GLN A 308 -11.92 -20.12 1.44
C GLN A 308 -12.88 -19.44 0.46
N VAL A 309 -12.59 -18.20 0.07
CA VAL A 309 -13.45 -17.46 -0.84
C VAL A 309 -12.98 -17.69 -2.26
N GLY A 310 -12.23 -18.77 -2.48
CA GLY A 310 -11.82 -19.14 -3.83
C GLY A 310 -10.87 -18.15 -4.46
N GLY A 311 -9.87 -17.72 -3.69
CA GLY A 311 -8.91 -16.76 -4.19
C GLY A 311 -7.94 -17.34 -5.20
N ILE A 312 -7.64 -18.64 -5.07
CA ILE A 312 -6.74 -19.27 -6.03
C ILE A 312 -7.33 -19.19 -7.43
N GLU A 313 -8.61 -19.55 -7.57
CA GLU A 313 -9.29 -19.42 -8.86
C GLU A 313 -9.24 -17.98 -9.35
N ALA A 314 -9.58 -17.02 -8.49
CA ALA A 314 -9.66 -15.62 -8.88
C ALA A 314 -8.32 -15.09 -9.35
N LEU A 315 -7.24 -15.43 -8.63
CA LEU A 315 -5.92 -14.92 -9.00
C LEU A 315 -5.40 -15.57 -10.27
N VAL A 316 -5.69 -16.86 -10.47
CA VAL A 316 -5.31 -17.52 -11.72
C VAL A 316 -6.00 -16.83 -12.90
N ARG A 317 -7.32 -16.64 -12.81
CA ARG A 317 -8.04 -15.98 -13.89
C ARG A 317 -7.53 -14.55 -14.10
N THR A 318 -7.22 -13.85 -13.01
CA THR A 318 -6.61 -12.53 -13.11
C THR A 318 -5.30 -12.57 -13.89
N VAL A 319 -4.47 -13.59 -13.64
CA VAL A 319 -3.20 -13.69 -14.35
C VAL A 319 -3.44 -13.99 -15.83
N LEU A 320 -4.38 -14.89 -16.13
CA LEU A 320 -4.70 -15.22 -17.51
C LEU A 320 -5.23 -13.99 -18.26
N ARG A 321 -5.92 -13.08 -17.57
CA ARG A 321 -6.48 -11.90 -18.23
C ARG A 321 -5.44 -10.82 -18.46
N ALA A 322 -4.37 -10.78 -17.65
CA ALA A 322 -3.40 -9.70 -17.73
C ALA A 322 -2.44 -9.86 -18.90
N GLY A 323 -2.01 -11.08 -19.17
CA GLY A 323 -1.03 -11.31 -20.21
C GLY A 323 0.29 -10.62 -19.92
N ASP A 324 0.64 -9.64 -20.75
CA ASP A 324 1.89 -8.92 -20.60
C ASP A 324 1.85 -7.82 -19.55
N ARG A 325 0.67 -7.46 -19.06
CA ARG A 325 0.54 -6.42 -18.05
CA ARG A 325 0.55 -6.41 -18.05
C ARG A 325 1.21 -6.86 -16.75
N GLU A 326 2.49 -6.52 -16.58
CA GLU A 326 3.24 -6.95 -15.41
C GLU A 326 2.80 -6.24 -14.14
N ASP A 327 2.24 -5.03 -14.27
CA ASP A 327 1.69 -4.35 -13.10
C ASP A 327 0.54 -5.13 -12.47
N ILE A 328 -0.02 -6.09 -13.19
CA ILE A 328 -1.08 -6.95 -12.69
C ILE A 328 -0.54 -8.32 -12.31
N THR A 329 0.37 -8.87 -13.13
CA THR A 329 0.81 -10.24 -12.89
C THR A 329 1.78 -10.32 -11.72
N GLU A 330 2.65 -9.32 -11.58
CA GLU A 330 3.60 -9.35 -10.47
C GLU A 330 2.92 -9.41 -9.10
N PRO A 331 1.96 -8.54 -8.76
CA PRO A 331 1.29 -8.70 -7.45
C PRO A 331 0.42 -9.95 -7.35
N ALA A 332 -0.27 -10.35 -8.42
CA ALA A 332 -1.13 -11.52 -8.36
C ALA A 332 -0.32 -12.79 -8.14
N ILE A 333 0.80 -12.94 -8.84
CA ILE A 333 1.69 -14.09 -8.63
C ILE A 333 2.34 -14.03 -7.25
N CYS A 334 2.71 -12.84 -6.76
CA CYS A 334 3.15 -12.71 -5.38
C CYS A 334 2.11 -13.26 -4.41
N ALA A 335 0.84 -12.89 -4.60
CA ALA A 335 -0.20 -13.38 -3.72
C ALA A 335 -0.36 -14.89 -3.84
N LEU A 336 -0.26 -15.41 -5.06
CA LEU A 336 -0.27 -16.85 -5.24
C LEU A 336 0.91 -17.50 -4.52
N ARG A 337 2.09 -16.84 -4.58
CA ARG A 337 3.25 -17.37 -3.86
CA ARG A 337 3.25 -17.37 -3.86
C ARG A 337 3.01 -17.40 -2.36
N HIS A 338 2.37 -16.37 -1.83
CA HIS A 338 2.05 -16.37 -0.40
C HIS A 338 1.06 -17.47 -0.05
N LEU A 339 0.01 -17.64 -0.87
CA LEU A 339 -1.05 -18.58 -0.55
C LEU A 339 -0.67 -20.03 -0.78
N THR A 340 0.54 -20.32 -1.26
CA THR A 340 0.94 -21.68 -1.57
C THR A 340 2.02 -22.21 -0.63
N SER A 341 2.22 -21.58 0.52
CA SER A 341 3.28 -22.00 1.43
C SER A 341 3.00 -21.51 2.84
N ARG A 342 3.36 -22.33 3.82
CA ARG A 342 3.43 -21.94 5.23
C ARG A 342 2.06 -21.57 5.81
N HIS A 343 1.04 -22.36 5.46
CA HIS A 343 -0.24 -22.32 6.16
C HIS A 343 -0.97 -23.62 5.84
N GLN A 344 -2.07 -23.86 6.55
CA GLN A 344 -2.84 -25.09 6.43
C GLN A 344 -3.22 -25.39 4.97
N GLU A 345 -4.07 -24.56 4.38
CA GLU A 345 -4.62 -24.84 3.05
C GLU A 345 -3.61 -24.68 1.93
N ALA A 346 -2.31 -24.64 2.26
CA ALA A 346 -1.29 -24.46 1.23
C ALA A 346 -1.22 -25.66 0.30
N GLU A 347 -1.35 -26.86 0.85
CA GLU A 347 -1.36 -28.06 0.01
C GLU A 347 -2.52 -28.01 -0.99
N MET A 348 -3.73 -27.75 -0.50
CA MET A 348 -4.87 -27.63 -1.41
C MET A 348 -4.72 -26.44 -2.35
N ALA A 349 -4.03 -25.38 -1.92
CA ALA A 349 -3.82 -24.25 -2.81
C ALA A 349 -2.81 -24.59 -3.89
N GLN A 350 -1.89 -25.51 -3.60
CA GLN A 350 -0.95 -25.94 -4.63
C GLN A 350 -1.65 -26.76 -5.71
N ASN A 351 -2.59 -27.62 -5.31
CA ASN A 351 -3.39 -28.37 -6.28
C ASN A 351 -4.34 -27.45 -7.02
N ALA A 352 -4.88 -26.44 -6.32
CA ALA A 352 -5.91 -25.59 -6.92
C ALA A 352 -5.38 -24.79 -8.10
N VAL A 353 -4.10 -24.40 -8.05
CA VAL A 353 -3.49 -23.69 -9.18
C VAL A 353 -3.50 -24.58 -10.42
N ARG A 354 -3.26 -25.89 -10.24
CA ARG A 354 -3.31 -26.79 -11.37
C ARG A 354 -4.75 -27.08 -11.79
N LEU A 355 -5.63 -27.31 -10.82
CA LEU A 355 -7.02 -27.64 -11.15
C LEU A 355 -7.74 -26.47 -11.79
N HIS A 356 -7.31 -25.25 -11.52
CA HIS A 356 -7.89 -24.08 -12.16
C HIS A 356 -7.11 -23.67 -13.41
N TYR A 357 -6.38 -24.61 -14.02
CA TYR A 357 -5.73 -24.41 -15.32
C TYR A 357 -4.70 -23.30 -15.26
N GLY A 358 -4.05 -23.14 -14.11
CA GLY A 358 -3.06 -22.09 -13.93
C GLY A 358 -1.62 -22.45 -14.28
N LEU A 359 -1.27 -23.75 -14.29
CA LEU A 359 0.14 -24.12 -14.46
C LEU A 359 0.75 -23.63 -15.76
N PRO A 360 0.10 -23.74 -16.94
CA PRO A 360 0.77 -23.27 -18.16
C PRO A 360 1.11 -21.78 -18.16
N VAL A 361 0.28 -20.93 -17.57
CA VAL A 361 0.60 -19.50 -17.55
C VAL A 361 1.76 -19.21 -16.60
N VAL A 362 1.87 -19.94 -15.48
CA VAL A 362 2.94 -19.68 -14.53
C VAL A 362 4.30 -19.93 -15.15
N VAL A 363 4.45 -21.08 -15.82
CA VAL A 363 5.73 -21.37 -16.45
C VAL A 363 6.01 -20.36 -17.55
N LYS A 364 5.00 -20.04 -18.36
CA LYS A 364 5.19 -19.10 -19.46
C LYS A 364 5.73 -17.76 -18.97
N LEU A 365 5.31 -17.33 -17.78
CA LEU A 365 5.75 -16.05 -17.24
C LEU A 365 7.20 -16.06 -16.78
N LEU A 366 7.85 -17.22 -16.79
CA LEU A 366 9.30 -17.27 -16.58
C LEU A 366 10.06 -16.69 -17.75
N HIS A 367 9.48 -16.72 -18.97
CA HIS A 367 10.14 -16.32 -20.20
C HIS A 367 9.89 -14.84 -20.49
N PRO A 368 10.71 -14.23 -21.34
CA PRO A 368 10.46 -12.83 -21.75
C PRO A 368 9.10 -12.72 -22.43
N PRO A 369 8.51 -11.50 -22.46
CA PRO A 369 9.08 -10.21 -22.03
C PRO A 369 8.97 -9.93 -20.53
N SER A 370 8.75 -10.97 -19.72
CA SER A 370 8.71 -10.79 -18.29
C SER A 370 10.03 -10.22 -17.78
N HIS A 371 9.95 -9.26 -16.87
CA HIS A 371 11.12 -8.66 -16.26
C HIS A 371 11.46 -9.36 -14.96
N TRP A 372 12.54 -8.92 -14.32
CA TRP A 372 13.06 -9.62 -13.13
C TRP A 372 12.09 -9.63 -11.96
N PRO A 373 11.39 -8.55 -11.60
CA PRO A 373 10.41 -8.66 -10.50
C PRO A 373 9.38 -9.75 -10.74
N LEU A 374 8.80 -9.82 -11.94
CA LEU A 374 7.84 -10.87 -12.25
C LEU A 374 8.51 -12.24 -12.20
N ILE A 375 9.73 -12.35 -12.74
CA ILE A 375 10.40 -13.65 -12.77
C ILE A 375 10.67 -14.15 -11.36
N LYS A 376 11.21 -13.28 -10.49
CA LYS A 376 11.55 -13.70 -9.13
C LYS A 376 10.32 -14.17 -8.37
N ALA A 377 9.18 -13.49 -8.57
CA ALA A 377 7.94 -13.92 -7.94
C ALA A 377 7.45 -15.24 -8.53
N THR A 378 7.55 -15.42 -9.84
CA THR A 378 7.11 -16.66 -10.48
C THR A 378 7.96 -17.85 -10.02
N VAL A 379 9.27 -17.65 -9.88
CA VAL A 379 10.15 -18.75 -9.47
C VAL A 379 9.74 -19.26 -8.08
N GLY A 380 9.56 -18.33 -7.14
CA GLY A 380 9.10 -18.71 -5.81
C GLY A 380 7.77 -19.43 -5.83
N LEU A 381 6.87 -19.03 -6.71
CA LEU A 381 5.60 -19.75 -6.83
C LEU A 381 5.83 -21.16 -7.33
N ILE A 382 6.56 -21.29 -8.43
CA ILE A 382 6.89 -22.61 -8.95
C ILE A 382 7.59 -23.45 -7.88
N ARG A 383 8.45 -22.82 -7.08
CA ARG A 383 9.09 -23.54 -5.97
C ARG A 383 8.05 -24.14 -5.05
N ASN A 384 7.05 -23.34 -4.63
CA ASN A 384 5.99 -23.85 -3.77
C ASN A 384 5.04 -24.78 -4.51
N LEU A 385 4.78 -24.49 -5.79
CA LEU A 385 3.97 -25.39 -6.59
C LEU A 385 4.61 -26.77 -6.72
N ALA A 386 5.95 -26.82 -6.76
CA ALA A 386 6.63 -28.10 -6.93
C ALA A 386 6.59 -28.97 -5.67
N LEU A 387 6.16 -28.42 -4.54
CA LEU A 387 5.99 -29.22 -3.34
C LEU A 387 4.90 -30.28 -3.50
N CYS A 388 3.90 -30.02 -4.36
CA CYS A 388 2.82 -30.97 -4.61
C CYS A 388 3.27 -31.95 -5.68
N PRO A 389 3.47 -33.23 -5.36
CA PRO A 389 3.97 -34.16 -6.40
C PRO A 389 3.04 -34.29 -7.60
N ALA A 390 1.75 -33.93 -7.46
CA ALA A 390 0.88 -33.92 -8.63
C ALA A 390 1.20 -32.80 -9.60
N ASN A 391 2.08 -31.87 -9.24
CA ASN A 391 2.47 -30.79 -10.14
C ASN A 391 3.78 -31.05 -10.84
N HIS A 392 4.46 -32.16 -10.54
CA HIS A 392 5.79 -32.40 -11.12
C HIS A 392 5.70 -32.58 -12.63
N ALA A 393 4.92 -33.56 -13.08
CA ALA A 393 4.78 -33.78 -14.53
C ALA A 393 4.22 -32.56 -15.26
N PRO A 394 3.12 -31.92 -14.84
CA PRO A 394 2.63 -30.79 -15.63
C PRO A 394 3.56 -29.58 -15.63
N LEU A 395 4.40 -29.43 -14.61
CA LEU A 395 5.44 -28.40 -14.67
C LEU A 395 6.53 -28.80 -15.67
N ARG A 396 6.87 -30.08 -15.72
CA ARG A 396 7.92 -30.54 -16.63
C ARG A 396 7.50 -30.31 -18.08
N GLU A 397 6.28 -30.69 -18.44
CA GLU A 397 5.82 -30.57 -19.82
C GLU A 397 5.63 -29.13 -20.26
N GLN A 398 5.65 -28.18 -19.32
CA GLN A 398 5.59 -26.78 -19.71
C GLN A 398 6.96 -26.20 -20.04
N GLY A 399 8.03 -26.96 -19.80
CA GLY A 399 9.37 -26.45 -20.02
C GLY A 399 9.94 -25.69 -18.85
N ALA A 400 9.50 -25.99 -17.63
CA ALA A 400 9.95 -25.21 -16.48
C ALA A 400 11.41 -25.52 -16.15
N ILE A 401 11.81 -26.78 -16.29
CA ILE A 401 13.17 -27.18 -15.93
C ILE A 401 14.22 -26.47 -16.78
N PRO A 402 14.18 -26.53 -18.12
CA PRO A 402 15.21 -25.80 -18.89
C PRO A 402 15.17 -24.30 -18.69
N ARG A 403 14.00 -23.73 -18.37
CA ARG A 403 13.94 -22.28 -18.15
C ARG A 403 14.53 -21.90 -16.80
N LEU A 404 14.20 -22.66 -15.75
CA LEU A 404 14.81 -22.42 -14.45
C LEU A 404 16.33 -22.56 -14.50
N VAL A 405 16.84 -23.47 -15.33
CA VAL A 405 18.29 -23.62 -15.49
C VAL A 405 18.86 -22.45 -16.29
N GLN A 406 18.15 -22.01 -17.33
CA GLN A 406 18.59 -20.84 -18.09
C GLN A 406 18.71 -19.61 -17.19
N LEU A 407 17.71 -19.39 -16.33
CA LEU A 407 17.77 -18.26 -15.40
C LEU A 407 18.88 -18.44 -14.37
N LEU A 408 19.06 -19.66 -13.90
CA LEU A 408 20.12 -19.94 -12.94
C LEU A 408 21.49 -19.64 -13.53
N VAL A 409 21.72 -20.06 -14.79
CA VAL A 409 23.03 -19.86 -15.41
C VAL A 409 23.31 -18.38 -15.61
N ARG A 410 22.32 -17.63 -16.12
CA ARG A 410 22.51 -16.21 -16.35
C ARG A 410 22.72 -15.46 -15.04
N ALA A 411 21.94 -15.77 -14.01
CA ALA A 411 22.09 -15.10 -12.73
C ALA A 411 23.45 -15.41 -12.11
N HIS A 412 23.86 -16.67 -12.14
CA HIS A 412 25.17 -17.04 -11.60
C HIS A 412 26.30 -16.39 -12.39
N GLN A 413 26.13 -16.21 -13.70
CA GLN A 413 27.14 -15.55 -14.51
C GLN A 413 27.30 -14.08 -14.13
N ASP A 414 26.25 -13.46 -13.61
CA ASP A 414 26.30 -12.04 -13.25
C ASP A 414 26.95 -11.82 -11.90
N THR A 415 26.69 -12.71 -10.93
CA THR A 415 27.29 -12.60 -9.61
C THR A 415 28.80 -12.81 -9.64
N GLN A 416 29.34 -13.36 -10.73
CA GLN A 416 30.78 -13.61 -10.83
C GLN A 416 31.58 -12.38 -11.21
N ARG A 417 30.93 -11.30 -11.64
CA ARG A 417 31.63 -10.05 -11.94
C ARG A 417 32.20 -9.48 -10.64
N ARG A 418 33.54 -9.46 -10.53
CA ARG A 418 34.22 -9.07 -9.30
C ARG A 418 34.91 -7.70 -9.36
N PHE A 428 22.59 -6.59 -8.41
CA PHE A 428 21.35 -5.83 -8.36
C PHE A 428 20.94 -5.34 -9.75
N VAL A 429 20.05 -6.09 -10.40
CA VAL A 429 19.52 -5.75 -11.72
C VAL A 429 18.01 -5.60 -11.62
N GLU A 430 17.49 -4.48 -12.13
CA GLU A 430 16.05 -4.19 -12.14
C GLU A 430 15.44 -4.25 -10.73
N GLY A 431 16.24 -3.95 -9.72
CA GLY A 431 15.77 -3.91 -8.34
C GLY A 431 15.80 -5.22 -7.60
N VAL A 432 16.06 -6.34 -8.29
CA VAL A 432 16.08 -7.65 -7.66
C VAL A 432 17.52 -8.03 -7.33
N ARG A 433 17.67 -8.80 -6.26
CA ARG A 433 18.97 -9.31 -5.86
C ARG A 433 19.33 -10.48 -6.77
N MET A 434 20.47 -10.39 -7.45
CA MET A 434 20.79 -11.37 -8.50
C MET A 434 21.10 -12.75 -7.93
N GLU A 435 21.64 -12.81 -6.71
CA GLU A 435 21.83 -14.09 -6.05
C GLU A 435 20.54 -14.64 -5.45
N GLU A 436 19.48 -13.81 -5.35
CA GLU A 436 18.19 -14.34 -4.94
C GLU A 436 17.58 -15.22 -6.02
N ILE A 437 17.94 -14.97 -7.28
CA ILE A 437 17.53 -15.84 -8.36
C ILE A 437 18.29 -17.16 -8.29
N VAL A 438 19.57 -17.11 -7.92
CA VAL A 438 20.35 -18.34 -7.77
C VAL A 438 19.77 -19.21 -6.67
N GLU A 439 19.41 -18.60 -5.54
CA GLU A 439 18.76 -19.36 -4.47
C GLU A 439 17.39 -19.86 -4.90
N GLY A 440 16.62 -19.03 -5.60
CA GLY A 440 15.27 -19.42 -5.97
C GLY A 440 15.24 -20.46 -7.08
N CYS A 441 16.06 -20.29 -8.10
CA CYS A 441 16.12 -21.27 -9.18
C CYS A 441 16.63 -22.61 -8.67
N THR A 442 17.78 -22.61 -7.99
CA THR A 442 18.33 -23.86 -7.49
C THR A 442 17.38 -24.53 -6.51
N GLY A 443 16.69 -23.73 -5.68
CA GLY A 443 15.73 -24.29 -4.75
C GLY A 443 14.56 -24.95 -5.46
N ALA A 444 14.03 -24.29 -6.49
CA ALA A 444 12.98 -24.91 -7.29
C ALA A 444 13.47 -26.19 -7.96
N LEU A 445 14.70 -26.19 -8.46
CA LEU A 445 15.26 -27.41 -9.06
C LEU A 445 15.47 -28.49 -8.01
N HIS A 446 15.79 -28.11 -6.78
CA HIS A 446 15.90 -29.07 -5.69
C HIS A 446 14.57 -29.78 -5.45
N ILE A 447 13.47 -29.01 -5.43
CA ILE A 447 12.15 -29.61 -5.21
C ILE A 447 11.79 -30.51 -6.38
N LEU A 448 11.97 -30.03 -7.61
CA LEU A 448 11.61 -30.82 -8.78
C LEU A 448 12.41 -32.12 -8.83
N ALA A 449 13.66 -32.11 -8.34
CA ALA A 449 14.49 -33.29 -8.38
C ALA A 449 13.95 -34.43 -7.52
N ARG A 450 12.90 -34.18 -6.74
CA ARG A 450 12.28 -35.27 -5.99
C ARG A 450 11.69 -36.32 -6.93
N ASP A 451 11.27 -35.91 -8.12
CA ASP A 451 10.73 -36.83 -9.11
C ASP A 451 11.85 -37.36 -10.00
N VAL A 452 11.78 -38.65 -10.30
CA VAL A 452 12.87 -39.29 -11.06
C VAL A 452 12.94 -38.74 -12.49
N HIS A 453 11.78 -38.54 -13.13
CA HIS A 453 11.76 -38.02 -14.49
C HIS A 453 12.41 -36.63 -14.54
N ASN A 454 12.11 -35.78 -13.57
CA ASN A 454 12.74 -34.46 -13.50
C ASN A 454 14.25 -34.58 -13.38
N ARG A 455 14.73 -35.59 -12.62
CA ARG A 455 16.16 -35.77 -12.46
C ARG A 455 16.85 -36.00 -13.80
N ILE A 456 16.22 -36.77 -14.69
CA ILE A 456 16.76 -37.01 -16.02
C ILE A 456 17.00 -35.69 -16.76
N VAL A 457 16.00 -34.80 -16.73
CA VAL A 457 16.10 -33.53 -17.44
C VAL A 457 17.17 -32.64 -16.81
N ILE A 458 17.19 -32.55 -15.47
CA ILE A 458 18.21 -31.78 -14.79
C ILE A 458 19.60 -32.29 -15.17
N ARG A 459 19.77 -33.61 -15.12
CA ARG A 459 21.08 -34.19 -15.41
C ARG A 459 21.47 -33.99 -16.86
N GLY A 460 20.49 -34.07 -17.78
CA GLY A 460 20.74 -33.96 -19.20
C GLY A 460 21.05 -32.57 -19.70
N LEU A 461 20.98 -31.55 -18.82
CA LEU A 461 21.26 -30.17 -19.19
C LEU A 461 22.67 -29.72 -18.85
N ASN A 462 23.54 -30.63 -18.39
CA ASN A 462 24.87 -30.29 -17.92
C ASN A 462 24.69 -29.20 -16.87
N THR A 463 24.30 -29.62 -15.67
CA THR A 463 24.13 -28.71 -14.55
C THR A 463 24.94 -29.13 -13.34
N ILE A 464 25.42 -30.38 -13.30
CA ILE A 464 26.23 -30.83 -12.17
C ILE A 464 27.47 -29.99 -11.99
N PRO A 465 28.20 -29.57 -13.03
CA PRO A 465 29.29 -28.61 -12.81
C PRO A 465 28.82 -27.33 -12.13
N LEU A 466 27.68 -26.78 -12.55
CA LEU A 466 27.16 -25.59 -11.91
C LEU A 466 26.78 -25.85 -10.46
N PHE A 467 26.17 -27.01 -10.18
CA PHE A 467 25.71 -27.29 -8.81
C PHE A 467 26.88 -27.52 -7.86
N VAL A 468 28.03 -27.97 -8.38
CA VAL A 468 29.20 -28.12 -7.55
C VAL A 468 29.88 -26.77 -7.33
N GLN A 469 29.93 -25.93 -8.36
CA GLN A 469 30.54 -24.61 -8.20
C GLN A 469 29.75 -23.73 -7.23
N LEU A 470 28.46 -24.00 -7.06
CA LEU A 470 27.66 -23.23 -6.11
C LEU A 470 27.96 -23.62 -4.66
N LEU A 471 28.60 -24.77 -4.44
CA LEU A 471 29.00 -25.15 -3.08
C LEU A 471 30.05 -24.20 -2.53
N TYR A 472 30.85 -23.58 -3.40
CA TYR A 472 31.87 -22.63 -2.98
C TYR A 472 31.32 -21.22 -2.75
N SER A 473 30.01 -21.01 -2.92
CA SER A 473 29.43 -19.71 -2.66
C SER A 473 29.52 -19.39 -1.17
N PRO A 474 29.73 -18.12 -0.81
CA PRO A 474 29.75 -17.76 0.62
C PRO A 474 28.38 -17.61 1.24
N ILE A 475 27.33 -17.45 0.42
CA ILE A 475 25.98 -17.28 0.93
C ILE A 475 25.45 -18.65 1.36
N GLU A 476 25.26 -18.80 2.68
CA GLU A 476 24.84 -20.07 3.25
C GLU A 476 23.57 -20.61 2.58
N ASN A 477 22.66 -19.72 2.16
CA ASN A 477 21.42 -20.21 1.56
C ASN A 477 21.65 -20.80 0.18
N ILE A 478 22.63 -20.29 -0.56
CA ILE A 478 22.93 -20.86 -1.87
C ILE A 478 23.64 -22.21 -1.71
N GLN A 479 24.51 -22.32 -0.70
CA GLN A 479 25.16 -23.60 -0.43
C GLN A 479 24.15 -24.68 -0.08
N ARG A 480 23.02 -24.28 0.54
CA ARG A 480 22.04 -25.27 0.99
C ARG A 480 21.25 -25.83 -0.18
N VAL A 481 20.73 -24.96 -1.06
CA VAL A 481 19.95 -25.46 -2.21
C VAL A 481 20.84 -26.21 -3.19
N ALA A 482 22.13 -25.86 -3.26
CA ALA A 482 23.04 -26.56 -4.16
C ALA A 482 23.30 -27.98 -3.67
N ALA A 483 23.62 -28.13 -2.38
CA ALA A 483 23.81 -29.47 -1.84
C ALA A 483 22.49 -30.25 -1.84
N GLY A 484 21.36 -29.55 -1.76
CA GLY A 484 20.08 -30.24 -1.81
C GLY A 484 19.82 -30.88 -3.15
N VAL A 485 19.94 -30.10 -4.23
CA VAL A 485 19.69 -30.67 -5.55
C VAL A 485 20.76 -31.69 -5.90
N LEU A 486 21.96 -31.57 -5.34
CA LEU A 486 22.98 -32.59 -5.56
C LEU A 486 22.64 -33.87 -4.80
N CYS A 487 21.93 -33.75 -3.69
CA CYS A 487 21.56 -34.93 -2.92
C CYS A 487 20.50 -35.76 -3.66
N GLU A 488 19.48 -35.08 -4.20
CA GLU A 488 18.45 -35.80 -4.95
C GLU A 488 19.02 -36.42 -6.22
N LEU A 489 19.92 -35.71 -6.90
CA LEU A 489 20.51 -36.25 -8.13
C LEU A 489 21.33 -37.51 -7.85
N ALA A 490 21.91 -37.61 -6.65
CA ALA A 490 22.83 -38.70 -6.34
C ALA A 490 22.13 -40.01 -6.01
N GLN A 491 20.79 -40.07 -6.11
CA GLN A 491 20.11 -41.36 -6.00
C GLN A 491 20.53 -42.31 -7.10
N ASP A 492 20.98 -41.78 -8.23
CA ASP A 492 21.39 -42.55 -9.39
C ASP A 492 22.91 -42.62 -9.41
N LYS A 493 23.45 -43.84 -9.51
CA LYS A 493 24.89 -44.04 -9.42
C LYS A 493 25.64 -43.28 -10.51
N GLU A 494 25.06 -43.23 -11.71
CA GLU A 494 25.70 -42.49 -12.80
C GLU A 494 25.83 -41.01 -12.46
N ALA A 495 24.79 -40.41 -11.89
CA ALA A 495 24.89 -39.00 -11.51
C ALA A 495 25.86 -38.82 -10.35
N ALA A 496 25.85 -39.73 -9.39
CA ALA A 496 26.75 -39.61 -8.25
C ALA A 496 28.21 -39.70 -8.68
N GLU A 497 28.50 -40.50 -9.71
CA GLU A 497 29.87 -40.57 -10.20
C GLU A 497 30.27 -39.27 -10.88
N ALA A 498 29.37 -38.71 -11.69
CA ALA A 498 29.66 -37.43 -12.34
C ALA A 498 29.90 -36.34 -11.32
N ILE A 499 29.07 -36.29 -10.28
CA ILE A 499 29.23 -35.30 -9.22
C ILE A 499 30.58 -35.48 -8.54
N GLU A 500 30.96 -36.74 -8.27
CA GLU A 500 32.27 -37.00 -7.70
C GLU A 500 33.38 -36.60 -8.66
N ALA A 501 33.18 -36.81 -9.97
CA ALA A 501 34.14 -36.43 -10.98
C ALA A 501 34.40 -34.93 -11.04
N GLU A 502 33.46 -34.11 -10.59
CA GLU A 502 33.63 -32.67 -10.55
C GLU A 502 34.28 -32.20 -9.26
N GLY A 503 34.88 -33.11 -8.50
CA GLY A 503 35.56 -32.73 -7.27
C GLY A 503 34.65 -32.17 -6.21
N ALA A 504 33.48 -32.77 -6.03
CA ALA A 504 32.53 -32.29 -5.02
C ALA A 504 32.85 -32.82 -3.64
N THR A 505 33.58 -33.92 -3.53
CA THR A 505 33.88 -34.52 -2.23
C THR A 505 34.57 -33.53 -1.30
N ALA A 506 35.51 -32.73 -1.84
CA ALA A 506 36.25 -31.79 -0.98
C ALA A 506 35.36 -30.70 -0.41
N PRO A 507 34.58 -29.93 -1.19
CA PRO A 507 33.72 -28.92 -0.56
C PRO A 507 32.61 -29.53 0.27
N LEU A 508 32.15 -30.73 -0.07
CA LEU A 508 31.09 -31.37 0.72
C LEU A 508 31.61 -31.81 2.08
N THR A 509 32.81 -32.40 2.13
CA THR A 509 33.38 -32.77 3.42
C THR A 509 33.62 -31.54 4.28
N GLU A 510 33.94 -30.40 3.67
CA GLU A 510 34.11 -29.17 4.45
C GLU A 510 32.76 -28.66 4.93
N LEU A 511 31.75 -28.68 4.05
CA LEU A 511 30.41 -28.28 4.45
C LEU A 511 29.81 -29.20 5.51
N LEU A 512 30.45 -30.33 5.79
CA LEU A 512 29.99 -31.18 6.89
C LEU A 512 30.01 -30.42 8.21
N HIS A 513 31.00 -29.56 8.41
CA HIS A 513 31.16 -28.78 9.63
C HIS A 513 30.66 -27.34 9.47
N SER A 514 29.76 -27.11 8.53
CA SER A 514 29.20 -25.77 8.35
C SER A 514 28.42 -25.35 9.59
N ARG A 515 28.46 -24.06 9.90
CA ARG A 515 27.66 -23.52 10.99
CA ARG A 515 27.66 -23.53 11.00
C ARG A 515 26.18 -23.71 10.74
N ASN A 516 25.77 -23.75 9.47
CA ASN A 516 24.38 -23.99 9.11
C ASN A 516 24.09 -25.49 9.17
N GLU A 517 23.15 -25.86 10.03
CA GLU A 517 22.79 -27.27 10.24
C GLU A 517 22.13 -27.87 9.00
N GLY A 518 21.34 -27.07 8.28
CA GLY A 518 20.70 -27.56 7.09
C GLY A 518 21.71 -27.93 6.01
N VAL A 519 22.80 -27.17 5.91
CA VAL A 519 23.84 -27.50 4.95
C VAL A 519 24.62 -28.73 5.41
N ALA A 520 24.95 -28.81 6.70
CA ALA A 520 25.66 -29.98 7.20
C ALA A 520 24.83 -31.25 6.99
N THR A 521 23.53 -31.17 7.23
CA THR A 521 22.65 -32.30 6.95
C THR A 521 22.65 -32.63 5.46
N TYR A 522 22.52 -31.62 4.61
CA TYR A 522 22.55 -31.85 3.17
C TYR A 522 23.91 -32.36 2.72
N ALA A 523 24.99 -31.77 3.24
CA ALA A 523 26.32 -32.21 2.82
C ALA A 523 26.58 -33.65 3.23
N ALA A 524 26.15 -34.02 4.44
CA ALA A 524 26.28 -35.41 4.87
C ALA A 524 25.43 -36.33 3.99
N ALA A 525 24.30 -35.83 3.50
CA ALA A 525 23.42 -36.63 2.68
C ALA A 525 24.05 -36.95 1.32
N VAL A 526 24.65 -35.95 0.67
CA VAL A 526 25.29 -36.19 -0.63
C VAL A 526 26.47 -37.13 -0.48
N LEU A 527 27.26 -36.98 0.59
CA LEU A 527 28.40 -37.87 0.78
C LEU A 527 27.95 -39.29 1.07
N PHE A 528 26.80 -39.45 1.75
CA PHE A 528 26.29 -40.79 2.04
C PHE A 528 25.93 -41.53 0.76
N ARG A 529 25.07 -40.91 -0.07
CA ARG A 529 24.64 -41.52 -1.32
C ARG A 529 25.81 -41.78 -2.28
N MET A 530 26.97 -41.18 -2.04
CA MET A 530 28.20 -41.57 -2.72
C MET A 530 28.81 -42.85 -2.16
N SER A 531 27.96 -43.85 -1.85
CA SER A 531 28.44 -45.06 -1.19
C SER A 531 29.28 -45.92 -2.12
N GLU A 532 28.89 -46.03 -3.39
CA GLU A 532 29.63 -46.84 -4.37
C GLU A 532 31.01 -46.24 -4.65
N PRO B 1 18.73 -44.17 5.81
CA PRO B 1 18.89 -44.57 7.20
C PRO B 1 19.80 -43.62 8.00
N ALA B 2 19.32 -43.15 9.16
CA ALA B 2 20.07 -42.24 10.03
C ALA B 2 20.40 -40.93 9.31
N VAL B 3 21.29 -40.99 8.32
CA VAL B 3 21.68 -39.78 7.59
C VAL B 3 20.58 -39.34 6.63
N MET B 4 19.79 -40.29 6.11
CA MET B 4 18.76 -39.96 5.14
C MET B 4 17.52 -39.35 5.80
N GLU B 5 17.03 -39.98 6.87
CA GLU B 5 15.92 -39.38 7.61
C GLU B 5 16.30 -38.03 8.21
N CYS B 6 17.59 -37.78 8.42
CA CYS B 6 18.05 -36.43 8.75
C CYS B 6 17.73 -35.47 7.62
N TYR B 7 17.97 -35.90 6.38
CA TYR B 7 17.79 -35.04 5.22
C TYR B 7 16.33 -34.70 4.98
N GLU B 8 15.43 -35.70 5.11
CA GLU B 8 14.01 -35.44 4.88
C GLU B 8 13.43 -34.54 5.97
N ALA B 9 13.97 -34.61 7.19
CA ALA B 9 13.52 -33.71 8.26
C ALA B 9 13.95 -32.28 7.99
N ALA B 10 15.19 -32.08 7.51
CA ALA B 10 15.65 -30.75 7.14
C ALA B 10 15.05 -30.27 5.82
N PHE B 11 14.53 -31.17 4.99
CA PHE B 11 13.89 -30.76 3.74
C PHE B 11 12.53 -30.14 4.00
N ILE B 12 11.74 -30.74 4.91
CA ILE B 12 10.46 -30.16 5.31
C ILE B 12 10.65 -28.78 5.94
N CYS B 13 11.78 -28.59 6.63
CA CYS B 13 12.08 -27.30 7.23
C CYS B 13 12.34 -26.23 6.18
N HIS B 14 13.03 -26.60 5.10
CA HIS B 14 13.48 -25.63 4.11
C HIS B 14 12.31 -25.03 3.32
N TYR B 15 11.22 -25.78 3.14
CA TYR B 15 10.12 -25.30 2.30
C TYR B 15 8.72 -25.55 2.87
N VAL B 16 8.49 -26.65 3.58
CA VAL B 16 7.17 -26.97 4.10
C VAL B 16 7.05 -26.59 5.55
CA WHL C . 17.36 -30.14 10.66
CB WHL C . 18.36 -31.10 10.69
NB WHL C . 19.13 -33.26 11.28
OB WHL C . 15.97 -27.63 10.38
CG WHL C . 15.02 -28.23 10.86
CD WHL C . 16.89 -32.61 11.83
CE WHL C . 15.88 -31.66 11.80
CH WHL C . 13.69 -27.55 11.08
CC WHL C . 18.12 -32.34 11.27
CF WHL C . 16.10 -30.41 11.21
CJ WHL C . 19.08 -34.49 11.81
CK WHL C . 20.35 -35.26 11.66
NA WHL C . 15.03 -29.50 11.24
OA WHL C . 18.12 -35.03 12.36
#